data_5AZ9
#
_entry.id   5AZ9
#
_cell.length_a   160.476
_cell.length_b   71.396
_cell.length_c   47.538
_cell.angle_alpha   90.00
_cell.angle_beta   104.91
_cell.angle_gamma   90.00
#
_symmetry.space_group_name_H-M   'C 1 2 1'
#
loop_
_entity.id
_entity.type
_entity.pdbx_description
1 polymer 'Maltose-binding periplasmic protein,Mitochondrial import receptor subunit TOM20 homolog'
2 water water
#
_entity_poly.entity_id   1
_entity_poly.type   'polypeptide(L)'
_entity_poly.pdbx_seq_one_letter_code
;MKIEEGKLVIWINGDKGYNGLAEVGKKFEKDTGIKVTVEHPDKLEEKFPQVGPDIIFWAHDRFGGYAQSGLLAEITPDKA
FQDKLYPFTWDAVRYNGKLIAYPIAVEALSLIYNKDLLPNPPKTWEEIPALDKELKAKGKSALMFNLQEPYFTWPLIAAD
GGYAFKYENGKYDIKDVGVDNAGAKAGLTFLVDLIKNKHMNADTDYSIAEAAFNKGETAMTINGPWAWSNIDTSKVNYGV
TVLPTFKGQPSKPFVGVLSAGINAASPNKELAKEFLENYLLTDEGLEAVNKDKPLGAVALKSYEEELVKDPRIAATMENA
QKGEIMPNIPQMSAFWYAVRTAVINAASGRQTVDEALKDAQTRIKEALAVQKFFLEEIQLGEELLAQGDYEKGVDHLTNA
IAVCGQPQQLLQVLQQTLPPPVFQMLLTKL
;
_entity_poly.pdbx_strand_id   A
#
# COMPACT_ATOMS: atom_id res chain seq x y z
N LYS A 2 17.92 19.15 13.04
CA LYS A 2 18.43 18.53 14.32
C LYS A 2 17.35 18.27 15.38
N ILE A 3 17.30 17.02 15.85
CA ILE A 3 16.57 16.61 17.04
C ILE A 3 17.24 17.16 18.31
N GLU A 4 16.49 17.79 19.20
CA GLU A 4 17.04 18.28 20.48
C GLU A 4 16.15 17.81 21.56
N GLU A 5 16.74 17.51 22.70
CA GLU A 5 15.98 17.12 23.82
C GLU A 5 15.09 18.28 24.21
N GLY A 6 13.83 17.98 24.56
CA GLY A 6 12.88 18.95 25.06
C GLY A 6 12.08 19.75 24.04
N LYS A 7 12.18 19.40 22.79
CA LYS A 7 11.22 19.81 21.81
C LYS A 7 10.90 18.61 20.89
N LEU A 8 9.85 18.78 20.08
CA LEU A 8 9.48 17.80 19.07
C LEU A 8 9.52 18.40 17.68
N VAL A 9 10.11 17.65 16.76
CA VAL A 9 10.05 17.90 15.33
C VAL A 9 9.30 16.73 14.69
N ILE A 10 8.36 17.05 13.84
CA ILE A 10 7.50 16.08 13.17
C ILE A 10 7.51 16.27 11.69
N TRP A 11 7.65 15.18 10.92
CA TRP A 11 7.53 15.22 9.45
C TRP A 11 6.27 14.53 8.94
N ILE A 12 5.62 15.17 7.97
CA ILE A 12 4.42 14.66 7.32
C ILE A 12 4.46 15.17 5.88
N ASN A 13 3.89 14.44 4.99
CA ASN A 13 3.99 14.80 3.59
C ASN A 13 3.18 16.01 3.28
N GLY A 14 3.62 16.72 2.27
CA GLY A 14 3.00 17.95 1.76
C GLY A 14 1.62 17.88 1.23
N ASP A 15 1.10 16.68 1.01
CA ASP A 15 -0.29 16.51 0.63
C ASP A 15 -1.23 16.31 1.80
N LYS A 16 -0.76 16.33 3.05
CA LYS A 16 -1.63 16.09 4.17
C LYS A 16 -1.87 17.45 4.86
N GLY A 17 -2.66 17.38 5.91
CA GLY A 17 -3.16 18.56 6.67
C GLY A 17 -2.12 19.03 7.66
N TYR A 18 -0.96 19.50 7.16
CA TYR A 18 0.14 19.82 8.07
C TYR A 18 -0.06 21.09 8.94
N ASN A 19 -0.85 22.03 8.41
CA ASN A 19 -1.28 23.18 9.22
C ASN A 19 -2.19 22.76 10.33
N GLY A 20 -3.08 21.81 10.06
CA GLY A 20 -3.94 21.27 11.14
C GLY A 20 -3.12 20.55 12.18
N LEU A 21 -2.15 19.75 11.71
CA LEU A 21 -1.26 19.06 12.64
C LEU A 21 -0.46 20.08 13.49
N ALA A 22 -0.04 21.20 12.88
CA ALA A 22 0.65 22.24 13.61
C ALA A 22 -0.22 22.90 14.67
N GLU A 23 -1.51 23.04 14.40
CA GLU A 23 -2.42 23.48 15.43
C GLU A 23 -2.45 22.53 16.62
N VAL A 24 -2.38 21.22 16.37
CA VAL A 24 -2.38 20.29 17.52
C VAL A 24 -1.07 20.56 18.31
N GLY A 25 -0.03 20.82 17.55
CA GLY A 25 1.28 21.11 18.09
C GLY A 25 1.25 22.37 18.95
N LYS A 26 0.54 23.37 18.49
CA LYS A 26 0.37 24.60 19.27
C LYS A 26 -0.35 24.40 20.54
N LYS A 27 -1.37 23.56 20.53
CA LYS A 27 -2.06 23.21 21.76
C LYS A 27 -1.11 22.50 22.72
N PHE A 28 -0.36 21.56 22.16
CA PHE A 28 0.56 20.79 22.98
C PHE A 28 1.56 21.75 23.68
N GLU A 29 2.12 22.67 22.89
CA GLU A 29 3.09 23.65 23.40
C GLU A 29 2.52 24.56 24.47
N LYS A 30 1.32 25.07 24.22
CA LYS A 30 0.63 25.84 25.21
C LYS A 30 0.43 25.06 26.50
N ASP A 31 0.07 23.77 26.46
CA ASP A 31 -0.23 23.09 27.73
C ASP A 31 1.07 22.68 28.40
N THR A 32 2.09 22.28 27.63
CA THR A 32 3.26 21.63 28.19
C THR A 32 4.53 22.44 28.16
N GLY A 33 4.51 23.56 27.47
CA GLY A 33 5.72 24.29 27.25
C GLY A 33 6.63 23.72 26.21
N ILE A 34 6.30 22.56 25.65
CA ILE A 34 7.19 21.95 24.65
C ILE A 34 6.88 22.41 23.21
N LYS A 35 7.89 22.98 22.57
CA LYS A 35 7.85 23.47 21.22
C LYS A 35 7.62 22.30 20.22
N VAL A 36 6.69 22.44 19.29
CA VAL A 36 6.40 21.33 18.30
C VAL A 36 6.53 22.00 16.97
N THR A 37 7.44 21.51 16.14
CA THR A 37 7.62 22.02 14.81
C THR A 37 7.22 20.93 13.80
N VAL A 38 6.25 21.24 12.96
CA VAL A 38 5.87 20.40 11.85
C VAL A 38 6.52 20.82 10.57
N GLU A 39 7.16 19.88 9.84
CA GLU A 39 7.73 20.16 8.55
C GLU A 39 7.20 19.22 7.53
N HIS A 40 7.26 19.62 6.29
CA HIS A 40 6.89 18.74 5.15
C HIS A 40 7.95 18.68 4.07
N PRO A 41 9.12 18.12 4.41
CA PRO A 41 10.23 18.16 3.43
C PRO A 41 10.03 17.34 2.20
N ASP A 42 10.65 17.76 1.12
CA ASP A 42 10.74 16.92 -0.05
C ASP A 42 11.47 15.62 0.29
N LYS A 43 11.03 14.53 -0.30
CA LYS A 43 11.73 13.22 -0.13
C LYS A 43 11.93 12.81 1.35
N LEU A 44 10.93 13.15 2.18
CA LEU A 44 11.12 12.97 3.60
C LEU A 44 11.34 11.52 3.92
N GLU A 45 10.71 10.64 3.14
CA GLU A 45 10.72 9.18 3.47
C GLU A 45 12.04 8.58 3.03
N GLU A 46 12.70 9.27 2.09
CA GLU A 46 14.10 9.00 1.70
C GLU A 46 15.15 9.54 2.66
N LYS A 47 14.89 10.68 3.30
CA LYS A 47 15.80 11.31 4.25
C LYS A 47 15.73 10.75 5.63
N PHE A 48 14.61 10.12 5.97
CA PHE A 48 14.48 9.72 7.37
C PHE A 48 15.65 8.88 7.89
N PRO A 49 16.11 7.90 7.08
CA PRO A 49 17.18 6.98 7.58
C PRO A 49 18.52 7.64 7.93
N GLN A 50 18.79 8.85 7.45
CA GLN A 50 20.07 9.45 7.73
C GLN A 50 19.90 10.50 8.79
N VAL A 51 19.08 11.48 8.53
CA VAL A 51 18.81 12.53 9.49
C VAL A 51 17.32 12.64 9.53
N GLY A 52 16.73 12.27 10.64
CA GLY A 52 15.28 12.36 10.76
C GLY A 52 14.83 13.07 12.00
N PRO A 53 13.52 13.40 12.08
CA PRO A 53 12.86 14.11 13.15
C PRO A 53 12.44 13.15 14.27
N ASP A 54 11.73 13.67 15.28
CA ASP A 54 11.25 12.85 16.39
C ASP A 54 10.15 11.91 15.93
N ILE A 55 9.26 12.45 15.12
CA ILE A 55 8.06 11.69 14.69
C ILE A 55 7.96 11.81 13.19
N ILE A 56 7.66 10.69 12.50
CA ILE A 56 7.42 10.65 11.08
C ILE A 56 6.03 10.07 10.78
N PHE A 57 5.27 10.76 9.93
CA PHE A 57 4.00 10.30 9.40
C PHE A 57 4.14 9.88 7.96
N TRP A 58 3.77 8.62 7.68
CA TRP A 58 3.90 8.02 6.34
C TRP A 58 3.00 6.79 6.24
N ALA A 59 2.66 6.40 5.03
CA ALA A 59 2.03 5.09 4.79
C ALA A 59 2.80 3.99 5.58
N HIS A 60 2.05 3.12 6.27
CA HIS A 60 2.65 2.07 7.09
C HIS A 60 3.60 1.18 6.37
N ASP A 61 3.39 0.92 5.08
CA ASP A 61 4.20 -0.10 4.40
C ASP A 61 5.67 0.32 4.28
N ARG A 62 5.95 1.63 4.33
CA ARG A 62 7.33 2.06 4.25
C ARG A 62 8.05 1.77 5.56
N PHE A 63 7.30 1.69 6.65
CA PHE A 63 7.93 1.52 7.93
C PHE A 63 8.60 0.17 8.14
N GLY A 64 8.28 -0.88 7.36
CA GLY A 64 8.97 -2.17 7.52
C GLY A 64 10.48 -2.00 7.30
N GLY A 65 10.84 -1.26 6.27
CA GLY A 65 12.28 -0.98 5.95
C GLY A 65 13.01 -0.32 7.12
N TYR A 66 12.39 0.73 7.62
CA TYR A 66 12.88 1.40 8.77
C TYR A 66 12.99 0.49 9.93
N ALA A 67 11.99 -0.35 10.19
CA ALA A 67 12.10 -1.19 11.33
C ALA A 67 13.19 -2.24 11.13
N GLN A 68 13.32 -2.71 9.91
CA GLN A 68 14.35 -3.74 9.59
C GLN A 68 15.74 -3.19 9.95
N SER A 69 15.90 -1.88 9.81
CA SER A 69 17.16 -1.17 10.13
C SER A 69 17.23 -0.67 11.54
N GLY A 70 16.24 -0.95 12.40
CA GLY A 70 16.27 -0.51 13.78
C GLY A 70 15.99 0.96 13.97
N LEU A 71 15.37 1.59 12.99
CA LEU A 71 15.23 3.08 12.97
C LEU A 71 14.00 3.60 13.75
N LEU A 72 13.09 2.68 14.12
CA LEU A 72 11.85 3.09 14.85
C LEU A 72 11.87 2.57 16.25
N ALA A 73 11.46 3.39 17.19
CA ALA A 73 11.23 2.96 18.54
C ALA A 73 10.01 1.99 18.58
N GLU A 74 10.11 0.97 19.43
CA GLU A 74 8.97 0.19 19.82
C GLU A 74 7.99 1.10 20.56
N ILE A 75 6.78 1.11 20.07
CA ILE A 75 5.77 1.89 20.74
C ILE A 75 5.15 1.07 21.89
N THR A 76 4.75 1.78 22.91
CA THR A 76 4.32 1.18 24.14
C THR A 76 3.02 1.84 24.58
N PRO A 77 1.90 1.55 23.90
CA PRO A 77 0.70 2.35 24.11
C PRO A 77 0.00 2.05 25.41
N ASP A 78 -0.67 3.04 26.01
CA ASP A 78 -1.48 2.75 27.20
C ASP A 78 -2.58 1.73 26.81
N LYS A 79 -2.93 0.90 27.80
CA LYS A 79 -3.74 -0.35 27.59
C LYS A 79 -5.19 -0.02 27.13
N ALA A 80 -5.87 0.87 27.85
CA ALA A 80 -7.18 1.28 27.40
C ALA A 80 -7.15 2.03 26.06
N PHE A 81 -6.10 2.83 25.85
CA PHE A 81 -5.95 3.53 24.57
C PHE A 81 -5.93 2.59 23.35
N GLN A 82 -5.27 1.45 23.47
CA GLN A 82 -5.19 0.47 22.40
C GLN A 82 -6.55 0.01 21.88
N ASP A 83 -7.46 -0.14 22.81
CA ASP A 83 -8.82 -0.55 22.49
C ASP A 83 -9.61 0.55 21.82
N LYS A 84 -9.10 1.78 21.84
CA LYS A 84 -9.78 2.89 21.23
C LYS A 84 -9.59 2.94 19.71
N LEU A 85 -8.66 2.17 19.17
CA LEU A 85 -8.43 2.09 17.74
C LEU A 85 -8.90 0.78 17.21
N TYR A 86 -9.30 0.73 15.96
CA TYR A 86 -9.82 -0.52 15.36
C TYR A 86 -8.67 -1.53 15.40
N PRO A 87 -8.93 -2.76 15.84
CA PRO A 87 -7.87 -3.73 15.93
C PRO A 87 -7.11 -4.01 14.69
N PHE A 88 -7.78 -4.03 13.56
CA PHE A 88 -7.06 -4.35 12.35
C PHE A 88 -5.98 -3.29 12.03
N THR A 89 -6.18 -2.05 12.47
CA THR A 89 -5.19 -1.02 12.22
C THR A 89 -3.89 -1.30 12.92
N TRP A 90 -3.92 -1.88 14.09
CA TRP A 90 -2.68 -2.19 14.79
C TRP A 90 -1.86 -3.25 14.03
N ASP A 91 -2.53 -4.07 13.27
CA ASP A 91 -1.84 -5.05 12.45
C ASP A 91 -1.09 -4.47 11.31
N ALA A 92 -1.38 -3.24 10.96
CA ALA A 92 -0.61 -2.57 9.89
C ALA A 92 0.73 -2.03 10.41
N VAL A 93 0.88 -1.95 11.74
CA VAL A 93 2.04 -1.29 12.36
C VAL A 93 2.83 -2.30 13.20
N ARG A 94 2.72 -3.58 12.79
CA ARG A 94 3.57 -4.65 13.34
C ARG A 94 4.69 -5.02 12.43
N TYR A 95 5.87 -5.19 13.02
CA TYR A 95 7.03 -5.68 12.29
C TYR A 95 7.78 -6.63 13.17
N ASN A 96 7.98 -7.84 12.65
CA ASN A 96 8.60 -8.88 13.44
C ASN A 96 7.93 -9.03 14.78
N GLY A 97 6.60 -8.95 14.79
CA GLY A 97 5.86 -9.11 16.03
C GLY A 97 5.75 -7.88 16.94
N LYS A 98 6.50 -6.78 16.67
CA LYS A 98 6.55 -5.64 17.60
C LYS A 98 5.83 -4.44 17.00
N LEU A 99 5.21 -3.63 17.86
CA LEU A 99 4.48 -2.39 17.43
C LEU A 99 5.52 -1.34 17.18
N ILE A 100 5.48 -0.81 15.97
CA ILE A 100 6.46 0.18 15.52
C ILE A 100 5.89 1.52 15.07
N ALA A 101 4.58 1.72 15.22
CA ALA A 101 4.02 3.03 14.89
C ALA A 101 2.62 3.06 15.45
N TYR A 102 2.04 4.27 15.47
CA TYR A 102 0.60 4.43 15.77
C TYR A 102 -0.13 4.57 14.49
N PRO A 103 -1.27 3.84 14.35
CA PRO A 103 -2.05 4.04 13.15
C PRO A 103 -2.89 5.28 13.26
N ILE A 104 -3.11 5.95 12.15
CA ILE A 104 -3.89 7.22 12.12
C ILE A 104 -5.13 7.15 11.22
N ALA A 105 -4.95 6.73 9.96
CA ALA A 105 -6.04 6.68 9.01
C ALA A 105 -5.86 5.56 8.03
N VAL A 106 -6.93 5.22 7.35
CA VAL A 106 -6.97 4.06 6.47
C VAL A 106 -7.56 4.45 5.14
N GLU A 107 -7.07 3.79 4.11
CA GLU A 107 -7.51 4.04 2.77
C GLU A 107 -7.56 2.75 1.95
N ALA A 108 -8.67 2.59 1.21
CA ALA A 108 -8.82 1.46 0.34
C ALA A 108 -9.81 1.81 -0.74
N LEU A 109 -9.81 1.01 -1.78
CA LEU A 109 -10.81 1.13 -2.84
C LEU A 109 -12.24 0.81 -2.34
N SER A 110 -13.23 1.40 -3.01
CA SER A 110 -14.62 1.04 -2.86
C SER A 110 -15.28 0.91 -4.22
N LEU A 111 -16.50 0.41 -4.18
CA LEU A 111 -17.38 0.40 -5.34
C LEU A 111 -18.09 1.73 -5.40
N ILE A 112 -18.04 2.35 -6.57
CA ILE A 112 -18.65 3.64 -6.73
C ILE A 112 -19.69 3.40 -7.80
N TYR A 113 -20.92 3.94 -7.59
CA TYR A 113 -22.06 3.59 -8.42
C TYR A 113 -22.97 4.79 -8.73
N ASN A 114 -23.58 4.73 -9.91
CA ASN A 114 -24.52 5.76 -10.36
C ASN A 114 -25.92 5.43 -9.90
N LYS A 115 -26.39 6.15 -8.86
CA LYS A 115 -27.64 5.83 -8.25
C LYS A 115 -28.85 6.00 -9.18
N ASP A 116 -28.74 6.90 -10.14
CA ASP A 116 -29.80 7.04 -11.12
C ASP A 116 -29.86 5.84 -12.04
N LEU A 117 -28.73 5.40 -12.59
CA LEU A 117 -28.69 4.22 -13.43
C LEU A 117 -28.93 2.94 -12.69
N LEU A 118 -28.55 2.92 -11.40
CA LEU A 118 -28.40 1.66 -10.67
C LEU A 118 -28.77 1.85 -9.19
N PRO A 119 -30.06 1.81 -8.88
CA PRO A 119 -30.44 2.11 -7.50
C PRO A 119 -30.09 0.97 -6.56
N ASN A 120 -29.80 -0.22 -7.10
CA ASN A 120 -29.57 -1.37 -6.30
C ASN A 120 -28.26 -2.00 -6.74
N PRO A 121 -27.15 -1.39 -6.38
CA PRO A 121 -25.84 -1.96 -6.77
C PRO A 121 -25.66 -3.41 -6.31
N PRO A 122 -25.06 -4.23 -7.16
CA PRO A 122 -25.01 -5.65 -6.90
C PRO A 122 -24.17 -5.97 -5.69
N LYS A 123 -24.66 -6.86 -4.83
CA LYS A 123 -23.85 -7.41 -3.70
C LYS A 123 -22.77 -8.38 -4.12
N THR A 124 -22.90 -8.98 -5.32
CA THR A 124 -21.96 -10.02 -5.82
C THR A 124 -21.39 -9.68 -7.20
N TRP A 125 -20.18 -10.13 -7.47
CA TRP A 125 -19.59 -10.01 -8.74
C TRP A 125 -20.40 -10.84 -9.74
N GLU A 126 -20.97 -11.92 -9.23
CA GLU A 126 -21.64 -12.92 -10.09
C GLU A 126 -22.90 -12.36 -10.76
N GLU A 127 -23.50 -11.37 -10.14
CA GLU A 127 -24.59 -10.64 -10.70
C GLU A 127 -24.29 -9.69 -11.85
N ILE A 128 -23.03 -9.33 -12.06
CA ILE A 128 -22.63 -8.27 -12.96
C ILE A 128 -22.85 -8.62 -14.43
N PRO A 129 -22.62 -9.88 -14.83
CA PRO A 129 -22.99 -10.20 -16.23
C PRO A 129 -24.45 -9.96 -16.60
N ALA A 130 -25.39 -10.48 -15.83
CA ALA A 130 -26.80 -10.23 -16.13
C ALA A 130 -27.15 -8.72 -16.05
N LEU A 131 -26.55 -7.98 -15.11
CA LEU A 131 -26.78 -6.57 -15.06
C LEU A 131 -26.22 -5.82 -16.28
N ASP A 132 -25.01 -6.13 -16.70
CA ASP A 132 -24.44 -5.50 -17.88
C ASP A 132 -25.33 -5.71 -19.15
N LYS A 133 -25.80 -6.92 -19.33
CA LYS A 133 -26.70 -7.23 -20.42
C LYS A 133 -27.93 -6.33 -20.37
N GLU A 134 -28.48 -6.11 -19.20
CA GLU A 134 -29.62 -5.21 -19.06
C GLU A 134 -29.24 -3.78 -19.39
N LEU A 135 -28.11 -3.32 -18.88
CA LEU A 135 -27.72 -1.93 -19.12
C LEU A 135 -27.33 -1.72 -20.60
N LYS A 136 -26.75 -2.73 -21.25
CA LYS A 136 -26.32 -2.60 -22.67
C LYS A 136 -27.56 -2.33 -23.54
N ALA A 137 -28.65 -3.01 -23.24
CA ALA A 137 -29.95 -2.70 -23.84
C ALA A 137 -30.48 -1.29 -23.58
N LYS A 138 -29.73 -0.45 -22.87
CA LYS A 138 -30.08 0.97 -22.65
C LYS A 138 -28.97 1.87 -23.10
N GLY A 139 -28.02 1.32 -23.84
CA GLY A 139 -26.88 2.08 -24.27
C GLY A 139 -25.83 2.29 -23.21
N LYS A 140 -25.83 1.47 -22.16
CA LYS A 140 -24.93 1.73 -21.04
C LYS A 140 -24.20 0.41 -20.70
N SER A 141 -23.32 0.45 -19.71
CA SER A 141 -22.57 -0.72 -19.25
C SER A 141 -22.63 -0.78 -17.73
N ALA A 142 -22.43 -1.98 -17.18
CA ALA A 142 -22.44 -2.11 -15.74
C ALA A 142 -21.23 -1.55 -15.09
N LEU A 143 -20.06 -1.88 -15.58
CA LEU A 143 -18.84 -1.63 -14.85
C LEU A 143 -17.67 -1.36 -15.71
N MET A 144 -17.00 -0.28 -15.41
CA MET A 144 -15.69 0.02 -15.89
C MET A 144 -14.73 0.47 -14.80
N PHE A 145 -13.56 -0.13 -14.82
CA PHE A 145 -12.47 0.28 -13.90
C PHE A 145 -11.09 -0.08 -14.47
N ASN A 146 -10.05 0.53 -13.92
CA ASN A 146 -8.70 0.35 -14.38
C ASN A 146 -8.24 -1.13 -14.34
N LEU A 147 -8.19 -1.77 -15.50
CA LEU A 147 -7.76 -3.14 -15.55
C LEU A 147 -6.26 -3.29 -15.71
N GLN A 148 -5.57 -2.20 -15.90
CA GLN A 148 -4.12 -2.30 -16.24
C GLN A 148 -3.20 -2.51 -15.04
N GLU A 149 -3.66 -2.12 -13.85
CA GLU A 149 -2.81 -2.12 -12.67
C GLU A 149 -3.36 -3.10 -11.64
N PRO A 150 -2.55 -4.01 -11.15
CA PRO A 150 -3.09 -4.95 -10.23
C PRO A 150 -3.61 -4.40 -8.95
N TYR A 151 -3.20 -3.20 -8.55
CA TYR A 151 -3.85 -2.54 -7.42
C TYR A 151 -5.36 -2.56 -7.57
N PHE A 152 -5.85 -2.33 -8.80
CA PHE A 152 -7.31 -2.33 -9.03
C PHE A 152 -8.02 -3.68 -9.20
N THR A 153 -7.31 -4.67 -9.73
CA THR A 153 -7.89 -5.97 -10.08
C THR A 153 -7.71 -7.00 -8.92
N TRP A 154 -6.68 -6.79 -8.10
CA TRP A 154 -6.45 -7.61 -6.94
C TRP A 154 -7.63 -7.85 -6.00
N PRO A 155 -8.46 -6.83 -5.70
CA PRO A 155 -9.57 -7.14 -4.81
C PRO A 155 -10.39 -8.36 -5.19
N LEU A 156 -10.68 -8.48 -6.49
CA LEU A 156 -11.37 -9.65 -7.01
C LEU A 156 -10.55 -10.93 -6.94
N ILE A 157 -9.27 -10.83 -7.33
CA ILE A 157 -8.38 -11.99 -7.38
C ILE A 157 -8.17 -12.56 -6.00
N ALA A 158 -8.08 -11.70 -4.99
CA ALA A 158 -7.86 -12.14 -3.61
C ALA A 158 -9.09 -12.73 -2.95
N ALA A 159 -10.29 -12.40 -3.42
CA ALA A 159 -11.52 -12.72 -2.67
C ALA A 159 -11.66 -14.16 -2.24
N ASP A 160 -11.40 -15.10 -3.16
CA ASP A 160 -11.60 -16.52 -2.87
C ASP A 160 -10.34 -17.16 -2.36
N GLY A 161 -9.32 -16.37 -2.00
CA GLY A 161 -8.13 -16.95 -1.38
C GLY A 161 -6.77 -16.50 -1.83
N GLY A 162 -6.69 -15.74 -2.91
CA GLY A 162 -5.42 -15.07 -3.27
C GLY A 162 -4.82 -14.18 -2.17
N TYR A 163 -3.50 -14.16 -2.07
CA TYR A 163 -2.83 -13.27 -1.16
C TYR A 163 -1.40 -13.02 -1.69
N ALA A 164 -0.79 -11.93 -1.23
CA ALA A 164 0.57 -11.62 -1.66
C ALA A 164 1.55 -12.51 -0.86
N PHE A 165 1.71 -12.17 0.40
CA PHE A 165 2.49 -12.96 1.36
C PHE A 165 1.65 -13.24 2.60
N LYS A 166 1.83 -14.41 3.15
CA LYS A 166 1.09 -14.83 4.33
C LYS A 166 1.46 -14.07 5.62
N TYR A 167 0.44 -13.53 6.32
CA TYR A 167 0.68 -12.75 7.54
C TYR A 167 0.20 -13.55 8.67
N GLU A 168 1.01 -13.60 9.72
CA GLU A 168 0.63 -14.28 10.95
C GLU A 168 1.45 -13.70 12.12
N ASN A 169 0.75 -13.42 13.23
CA ASN A 169 1.33 -12.84 14.48
C ASN A 169 2.37 -11.72 14.23
N GLY A 170 1.95 -10.70 13.49
CA GLY A 170 2.79 -9.51 13.22
C GLY A 170 4.02 -9.73 12.35
N LYS A 171 4.00 -10.81 11.55
CA LYS A 171 5.06 -11.17 10.63
C LYS A 171 4.50 -11.75 9.31
N TYR A 172 5.26 -11.57 8.20
CA TYR A 172 4.99 -12.10 6.89
C TYR A 172 5.97 -13.21 6.62
N ASP A 173 5.51 -14.27 5.98
CA ASP A 173 6.39 -15.33 5.56
C ASP A 173 6.73 -15.15 4.11
N ILE A 174 7.95 -14.70 3.77
CA ILE A 174 8.25 -14.40 2.33
C ILE A 174 8.31 -15.65 1.48
N LYS A 175 8.27 -16.81 2.12
CA LYS A 175 8.26 -18.06 1.36
C LYS A 175 6.85 -18.43 0.98
N ASP A 176 5.83 -17.75 1.52
CA ASP A 176 4.49 -18.25 1.31
C ASP A 176 3.71 -17.22 0.52
N VAL A 177 3.69 -17.40 -0.78
CA VAL A 177 3.12 -16.47 -1.74
C VAL A 177 1.83 -17.08 -2.28
N GLY A 178 0.79 -16.29 -2.38
CA GLY A 178 -0.59 -16.80 -2.68
C GLY A 178 -1.10 -16.38 -4.03
N VAL A 179 -0.19 -16.28 -5.01
CA VAL A 179 -0.58 -15.74 -6.28
C VAL A 179 -1.14 -16.77 -7.22
N ASP A 180 -0.71 -18.02 -7.10
CA ASP A 180 -1.21 -19.02 -8.01
C ASP A 180 -2.08 -20.06 -7.32
N ASN A 181 -2.68 -19.71 -6.22
CA ASN A 181 -3.59 -20.68 -5.61
C ASN A 181 -4.97 -20.76 -6.26
N ALA A 182 -5.81 -21.66 -5.77
CA ALA A 182 -7.11 -21.86 -6.39
C ALA A 182 -7.96 -20.58 -6.32
N GLY A 183 -7.87 -19.89 -5.20
CA GLY A 183 -8.67 -18.65 -5.03
C GLY A 183 -8.25 -17.56 -6.01
N ALA A 184 -6.94 -17.34 -6.13
CA ALA A 184 -6.45 -16.40 -7.14
C ALA A 184 -6.84 -16.81 -8.54
N LYS A 185 -6.77 -18.11 -8.85
CA LYS A 185 -7.19 -18.52 -10.19
C LYS A 185 -8.69 -18.29 -10.43
N ALA A 186 -9.50 -18.59 -9.41
CA ALA A 186 -10.97 -18.43 -9.52
C ALA A 186 -11.33 -16.98 -9.84
N GLY A 187 -10.71 -16.07 -9.11
CA GLY A 187 -10.98 -14.62 -9.30
C GLY A 187 -10.50 -14.10 -10.64
N LEU A 188 -9.28 -14.46 -11.02
CA LEU A 188 -8.78 -13.97 -12.32
C LEU A 188 -9.59 -14.61 -13.50
N THR A 189 -10.00 -15.86 -13.34
CA THR A 189 -10.95 -16.50 -14.27
C THR A 189 -12.24 -15.70 -14.43
N PHE A 190 -12.82 -15.29 -13.30
CA PHE A 190 -14.04 -14.47 -13.38
C PHE A 190 -13.79 -13.18 -14.12
N LEU A 191 -12.67 -12.54 -13.85
CA LEU A 191 -12.30 -11.27 -14.54
C LEU A 191 -12.14 -11.45 -16.08
N VAL A 192 -11.36 -12.45 -16.44
CA VAL A 192 -11.15 -12.85 -17.82
C VAL A 192 -12.43 -13.19 -18.54
N ASP A 193 -13.28 -13.95 -17.89
CA ASP A 193 -14.58 -14.24 -18.40
C ASP A 193 -15.41 -12.98 -18.63
N LEU A 194 -15.39 -12.00 -17.71
CA LEU A 194 -16.15 -10.79 -18.00
C LEU A 194 -15.73 -10.17 -19.33
N ILE A 195 -14.43 -10.24 -19.61
CA ILE A 195 -13.88 -9.62 -20.80
C ILE A 195 -14.23 -10.44 -22.03
N LYS A 196 -14.01 -11.75 -21.99
CA LYS A 196 -14.44 -12.66 -23.09
C LYS A 196 -15.92 -12.54 -23.42
N ASN A 197 -16.76 -12.30 -22.40
CA ASN A 197 -18.18 -12.10 -22.62
C ASN A 197 -18.64 -10.70 -22.91
N LYS A 198 -17.69 -9.83 -23.15
CA LYS A 198 -17.94 -8.49 -23.63
C LYS A 198 -18.59 -7.57 -22.56
N HIS A 199 -18.42 -7.92 -21.29
CA HIS A 199 -18.90 -7.07 -20.22
C HIS A 199 -17.82 -6.07 -19.78
N MET A 200 -16.54 -6.36 -20.06
CA MET A 200 -15.53 -5.35 -19.97
C MET A 200 -14.54 -5.55 -21.14
N ASN A 201 -13.70 -4.56 -21.33
CA ASN A 201 -12.70 -4.49 -22.40
C ASN A 201 -11.35 -4.56 -21.77
N ALA A 202 -10.49 -5.42 -22.29
CA ALA A 202 -9.12 -5.49 -21.81
C ALA A 202 -8.31 -4.19 -21.84
N ASP A 203 -8.64 -3.20 -22.69
CA ASP A 203 -7.86 -1.95 -22.73
C ASP A 203 -8.31 -0.85 -21.77
N THR A 204 -9.40 -1.11 -21.05
CA THR A 204 -9.86 -0.08 -20.12
C THR A 204 -8.79 0.16 -19.05
N ASP A 205 -8.44 1.43 -18.90
CA ASP A 205 -7.45 1.92 -17.98
C ASP A 205 -8.11 2.96 -17.09
N TYR A 206 -7.30 3.69 -16.34
CA TYR A 206 -7.76 4.68 -15.38
C TYR A 206 -8.56 5.82 -16.01
N SER A 207 -8.03 6.37 -17.10
CA SER A 207 -8.66 7.53 -17.74
C SER A 207 -9.94 7.19 -18.37
N ILE A 208 -9.92 6.09 -19.08
CA ILE A 208 -11.06 5.61 -19.79
C ILE A 208 -12.19 5.29 -18.80
N ALA A 209 -11.89 4.70 -17.65
CA ALA A 209 -13.03 4.29 -16.75
C ALA A 209 -13.54 5.54 -16.05
N GLU A 210 -12.61 6.42 -15.68
CA GLU A 210 -12.95 7.64 -15.03
C GLU A 210 -13.90 8.46 -15.89
N ALA A 211 -13.57 8.60 -17.16
CA ALA A 211 -14.33 9.47 -17.99
C ALA A 211 -15.66 8.81 -18.22
N ALA A 212 -15.68 7.50 -18.47
CA ALA A 212 -16.98 6.85 -18.67
C ALA A 212 -17.91 6.99 -17.47
N PHE A 213 -17.42 6.68 -16.29
CA PHE A 213 -18.33 6.86 -15.14
C PHE A 213 -18.79 8.34 -14.96
N ASN A 214 -17.84 9.27 -15.06
CA ASN A 214 -18.15 10.67 -14.85
C ASN A 214 -18.99 11.30 -15.98
N LYS A 215 -19.09 10.64 -17.12
CA LYS A 215 -20.05 11.06 -18.14
C LYS A 215 -21.38 10.31 -18.10
N GLY A 216 -21.62 9.42 -17.09
CA GLY A 216 -22.86 8.66 -17.03
C GLY A 216 -23.03 7.56 -18.03
N GLU A 217 -21.94 7.05 -18.57
CA GLU A 217 -21.98 5.99 -19.52
C GLU A 217 -21.91 4.63 -18.92
N THR A 218 -21.31 4.51 -17.72
CA THR A 218 -21.25 3.22 -17.05
C THR A 218 -21.83 3.40 -15.60
N ALA A 219 -22.45 2.33 -15.10
CA ALA A 219 -23.14 2.38 -13.81
C ALA A 219 -22.24 2.25 -12.58
N MET A 220 -21.04 1.70 -12.75
CA MET A 220 -20.09 1.44 -11.64
C MET A 220 -18.68 1.58 -12.08
N THR A 221 -17.85 1.98 -11.13
CA THR A 221 -16.45 1.99 -11.24
C THR A 221 -15.91 1.55 -9.93
N ILE A 222 -14.60 1.36 -9.88
CA ILE A 222 -13.91 0.99 -8.62
C ILE A 222 -12.81 1.95 -8.45
N ASN A 223 -12.78 2.67 -7.35
CA ASN A 223 -11.77 3.66 -7.21
C ASN A 223 -11.69 4.09 -5.78
N GLY A 224 -10.76 4.95 -5.47
CA GLY A 224 -10.48 5.42 -4.10
C GLY A 224 -10.89 6.85 -3.87
N PRO A 225 -10.66 7.35 -2.67
CA PRO A 225 -11.13 8.67 -2.25
C PRO A 225 -10.52 9.80 -3.04
N TRP A 226 -9.28 9.63 -3.51
CA TRP A 226 -8.61 10.59 -4.46
C TRP A 226 -9.44 10.86 -5.73
N ALA A 227 -10.34 9.98 -6.09
CA ALA A 227 -11.17 10.20 -7.29
C ALA A 227 -12.49 10.94 -7.03
N TRP A 228 -12.88 11.16 -5.75
CA TRP A 228 -14.25 11.69 -5.44
C TRP A 228 -14.50 13.12 -6.00
N SER A 229 -13.48 13.92 -5.90
CA SER A 229 -13.56 15.38 -6.26
C SER A 229 -13.94 15.54 -7.74
N ASN A 230 -13.30 14.79 -8.62
CA ASN A 230 -13.72 14.72 -10.01
C ASN A 230 -15.16 14.27 -10.25
N ILE A 231 -15.66 13.29 -9.46
CA ILE A 231 -17.00 12.88 -9.67
C ILE A 231 -17.95 14.03 -9.18
N ASP A 232 -17.54 14.73 -8.12
CA ASP A 232 -18.33 15.86 -7.58
C ASP A 232 -18.55 16.92 -8.67
N THR A 233 -17.47 17.24 -9.35
CA THR A 233 -17.48 18.16 -10.46
C THR A 233 -18.40 17.68 -11.53
N SER A 234 -18.40 16.37 -11.81
CA SER A 234 -19.24 15.84 -12.83
C SER A 234 -20.80 15.95 -12.59
N LYS A 235 -21.21 16.08 -11.35
CA LYS A 235 -22.60 16.06 -10.95
C LYS A 235 -23.30 14.74 -11.07
N VAL A 236 -22.58 13.63 -11.33
CA VAL A 236 -23.21 12.30 -11.30
C VAL A 236 -23.80 12.07 -9.88
N ASN A 237 -24.99 11.49 -9.80
CA ASN A 237 -25.60 11.22 -8.49
C ASN A 237 -25.01 9.89 -8.04
N TYR A 238 -23.82 9.97 -7.45
CA TYR A 238 -23.02 8.77 -7.07
C TYR A 238 -23.08 8.40 -5.61
N GLY A 239 -22.98 7.10 -5.40
CA GLY A 239 -22.78 6.56 -4.09
C GLY A 239 -21.47 5.76 -4.03
N VAL A 240 -21.00 5.53 -2.82
CA VAL A 240 -19.78 4.77 -2.56
C VAL A 240 -20.19 3.72 -1.57
N THR A 241 -19.85 2.47 -1.83
CA THR A 241 -20.33 1.36 -1.04
C THR A 241 -19.34 0.19 -1.02
N VAL A 242 -19.75 -0.86 -0.34
CA VAL A 242 -18.99 -2.05 -0.24
C VAL A 242 -18.76 -2.68 -1.63
N LEU A 243 -17.57 -3.19 -1.84
CA LEU A 243 -17.28 -3.99 -3.03
C LEU A 243 -18.11 -5.24 -3.07
N PRO A 244 -18.43 -5.68 -4.28
CA PRO A 244 -19.14 -6.92 -4.39
C PRO A 244 -18.32 -8.10 -3.84
N THR A 245 -19.05 -9.06 -3.32
CA THR A 245 -18.47 -10.34 -2.92
C THR A 245 -18.17 -11.21 -4.14
N PHE A 246 -17.26 -12.14 -3.96
CA PHE A 246 -17.06 -13.18 -5.04
C PHE A 246 -17.00 -14.52 -4.33
N LYS A 247 -17.76 -15.51 -4.87
CA LYS A 247 -17.86 -16.81 -4.21
C LYS A 247 -18.13 -16.60 -2.72
N GLY A 248 -19.09 -15.69 -2.43
CA GLY A 248 -19.58 -15.40 -1.14
C GLY A 248 -18.62 -14.79 -0.14
N GLN A 249 -17.47 -14.29 -0.61
CA GLN A 249 -16.47 -13.72 0.24
C GLN A 249 -16.21 -12.30 -0.21
N PRO A 250 -15.79 -11.45 0.73
CA PRO A 250 -15.55 -10.07 0.30
C PRO A 250 -14.40 -9.88 -0.63
N SER A 251 -14.51 -8.91 -1.57
CA SER A 251 -13.39 -8.40 -2.34
C SER A 251 -12.40 -7.84 -1.34
N LYS A 252 -11.15 -8.07 -1.57
CA LYS A 252 -10.17 -7.66 -0.57
C LYS A 252 -9.20 -6.63 -1.16
N PRO A 253 -9.62 -5.35 -1.13
CA PRO A 253 -8.63 -4.33 -1.51
C PRO A 253 -7.40 -4.23 -0.62
N PHE A 254 -6.29 -3.79 -1.22
CA PHE A 254 -5.13 -3.40 -0.46
C PHE A 254 -5.42 -2.15 0.38
N VAL A 255 -5.01 -2.22 1.63
CA VAL A 255 -5.26 -1.15 2.62
C VAL A 255 -3.98 -0.41 2.93
N GLY A 256 -3.97 0.91 2.76
CA GLY A 256 -2.83 1.72 3.26
C GLY A 256 -3.28 2.46 4.54
N VAL A 257 -2.44 2.45 5.53
CA VAL A 257 -2.69 3.06 6.83
C VAL A 257 -1.64 4.15 7.12
N LEU A 258 -2.04 5.40 7.04
CA LEU A 258 -1.16 6.51 7.46
C LEU A 258 -0.86 6.31 8.93
N SER A 259 0.42 6.25 9.24
CA SER A 259 0.93 5.93 10.53
C SER A 259 2.02 6.92 11.03
N ALA A 260 2.15 6.98 12.34
CA ALA A 260 3.12 7.81 12.98
C ALA A 260 4.10 7.00 13.79
N GLY A 261 5.37 7.12 13.35
CA GLY A 261 6.47 6.39 13.99
C GLY A 261 7.32 7.34 14.78
N ILE A 262 7.94 6.81 15.84
CA ILE A 262 8.84 7.57 16.70
C ILE A 262 10.29 7.12 16.37
N ASN A 263 11.18 8.09 16.18
CA ASN A 263 12.55 7.84 15.74
C ASN A 263 13.27 7.10 16.88
N ALA A 264 13.94 5.97 16.56
CA ALA A 264 14.66 5.30 17.61
C ALA A 264 15.71 6.24 18.23
N ALA A 265 16.22 7.19 17.45
CA ALA A 265 17.24 8.12 17.94
C ALA A 265 16.68 9.26 18.77
N SER A 266 15.36 9.41 18.93
CA SER A 266 14.86 10.53 19.68
C SER A 266 15.06 10.48 21.18
N PRO A 267 15.57 11.58 21.81
CA PRO A 267 15.59 11.57 23.28
C PRO A 267 14.25 12.00 23.86
N ASN A 268 13.25 12.17 23.01
CA ASN A 268 11.96 12.70 23.44
C ASN A 268 10.85 11.67 23.27
N LYS A 269 11.15 10.41 23.49
CA LYS A 269 10.14 9.37 23.17
C LYS A 269 8.88 9.45 24.03
N GLU A 270 9.03 9.85 25.30
CA GLU A 270 7.86 9.95 26.16
C GLU A 270 6.98 11.13 25.74
N LEU A 271 7.64 12.24 25.38
CA LEU A 271 6.92 13.39 24.87
C LEU A 271 6.20 13.07 23.55
N ALA A 272 6.85 12.32 22.67
CA ALA A 272 6.23 11.89 21.43
C ALA A 272 4.98 11.05 21.70
N LYS A 273 5.09 10.14 22.65
CA LYS A 273 3.90 9.35 23.00
C LYS A 273 2.78 10.25 23.50
N GLU A 274 3.11 11.18 24.41
CA GLU A 274 2.12 12.08 24.93
C GLU A 274 1.39 12.84 23.84
N PHE A 275 2.18 13.36 22.91
CA PHE A 275 1.62 14.09 21.79
C PHE A 275 0.69 13.21 21.00
N LEU A 276 1.19 12.03 20.65
CA LEU A 276 0.44 11.21 19.73
C LEU A 276 -0.79 10.59 20.37
N GLU A 277 -0.67 10.06 21.58
CA GLU A 277 -1.78 9.40 22.23
C GLU A 277 -2.72 10.35 22.88
N ASN A 278 -2.19 11.45 23.45
CA ASN A 278 -3.03 12.27 24.31
C ASN A 278 -3.60 13.47 23.61
N TYR A 279 -2.93 13.91 22.54
CA TYR A 279 -3.34 15.08 21.77
C TYR A 279 -3.82 14.76 20.36
N LEU A 280 -3.04 14.02 19.58
CA LEU A 280 -3.37 13.83 18.15
C LEU A 280 -4.49 12.80 17.97
N LEU A 281 -4.31 11.65 18.59
CA LEU A 281 -5.32 10.58 18.43
C LEU A 281 -6.52 10.72 19.39
N THR A 282 -7.20 11.85 19.25
CA THR A 282 -8.37 12.25 20.02
C THR A 282 -9.36 12.86 19.03
N ASP A 283 -10.65 12.98 19.43
CA ASP A 283 -11.56 13.69 18.60
C ASP A 283 -11.07 15.09 18.19
N GLU A 284 -10.58 15.86 19.18
CA GLU A 284 -10.14 17.22 18.88
C GLU A 284 -8.94 17.26 18.00
N GLY A 285 -8.02 16.32 18.24
CA GLY A 285 -6.79 16.31 17.46
C GLY A 285 -7.01 15.93 16.02
N LEU A 286 -7.74 14.84 15.81
CA LEU A 286 -8.03 14.45 14.45
C LEU A 286 -8.93 15.43 13.71
N GLU A 287 -9.82 16.11 14.43
CA GLU A 287 -10.65 17.13 13.83
C GLU A 287 -9.80 18.27 13.28
N ALA A 288 -8.85 18.69 14.07
CA ALA A 288 -7.92 19.73 13.66
C ALA A 288 -7.20 19.41 12.35
N VAL A 289 -6.72 18.17 12.20
CA VAL A 289 -6.08 17.78 11.00
C VAL A 289 -7.07 17.66 9.85
N ASN A 290 -8.19 17.03 10.17
CA ASN A 290 -9.14 16.63 9.15
C ASN A 290 -9.74 17.92 8.53
N LYS A 291 -9.99 18.93 9.35
CA LYS A 291 -10.55 20.18 8.85
C LYS A 291 -9.64 20.81 7.82
N ASP A 292 -8.33 20.66 8.04
CA ASP A 292 -7.35 21.21 7.11
C ASP A 292 -7.36 20.42 5.85
N LYS A 293 -7.09 19.11 5.93
CA LYS A 293 -7.11 18.24 4.73
C LYS A 293 -7.68 16.92 5.18
N PRO A 294 -8.70 16.39 4.49
CA PRO A 294 -9.41 15.24 5.06
C PRO A 294 -8.49 14.04 5.20
N LEU A 295 -8.62 13.35 6.31
CA LEU A 295 -7.88 12.14 6.60
C LEU A 295 -8.44 10.88 5.97
N GLY A 296 -9.69 10.96 5.54
CA GLY A 296 -10.46 9.80 5.15
C GLY A 296 -11.02 9.12 6.38
N ALA A 297 -11.07 7.79 6.36
CA ALA A 297 -11.51 7.01 7.46
C ALA A 297 -10.33 6.90 8.45
N VAL A 298 -10.61 6.96 9.73
CA VAL A 298 -9.59 7.05 10.77
C VAL A 298 -9.57 5.86 11.66
N ALA A 299 -8.42 5.67 12.33
CA ALA A 299 -8.21 4.56 13.18
C ALA A 299 -8.93 4.67 14.53
N LEU A 300 -9.18 5.90 14.95
CA LEU A 300 -9.84 6.15 16.22
C LEU A 300 -11.32 5.97 16.08
N LYS A 301 -11.82 4.99 16.77
CA LYS A 301 -13.24 4.68 16.64
C LYS A 301 -14.15 5.85 16.95
N SER A 302 -13.89 6.56 18.05
CA SER A 302 -14.85 7.64 18.41
C SER A 302 -14.95 8.67 17.31
N TYR A 303 -13.82 9.02 16.70
CA TYR A 303 -13.87 10.02 15.65
C TYR A 303 -14.41 9.50 14.30
N GLU A 304 -14.06 8.25 13.96
CA GLU A 304 -14.63 7.59 12.77
C GLU A 304 -16.17 7.64 12.88
N GLU A 305 -16.66 7.31 14.05
CA GLU A 305 -18.12 7.41 14.35
C GLU A 305 -18.75 8.80 14.07
N GLU A 306 -18.02 9.90 14.24
CA GLU A 306 -18.47 11.21 13.75
C GLU A 306 -18.36 11.37 12.26
N LEU A 307 -17.28 10.86 11.71
CA LEU A 307 -17.01 11.07 10.29
C LEU A 307 -18.00 10.36 9.34
N VAL A 308 -18.53 9.25 9.79
CA VAL A 308 -19.42 8.45 8.93
C VAL A 308 -20.83 9.04 8.74
N LYS A 309 -21.07 10.27 9.26
CA LYS A 309 -22.09 11.21 8.74
C LYS A 309 -21.93 11.22 7.21
N ASP A 310 -20.68 11.17 6.73
CA ASP A 310 -20.41 11.02 5.30
C ASP A 310 -20.35 9.54 4.99
N PRO A 311 -21.37 9.00 4.31
CA PRO A 311 -21.38 7.58 4.12
C PRO A 311 -20.24 7.05 3.22
N ARG A 312 -19.58 7.93 2.46
CA ARG A 312 -18.46 7.51 1.64
C ARG A 312 -17.30 7.06 2.50
N ILE A 313 -17.10 7.73 3.64
CA ILE A 313 -16.07 7.36 4.60
C ILE A 313 -16.35 6.02 5.22
N ALA A 314 -17.63 5.75 5.54
CA ALA A 314 -17.97 4.51 6.11
C ALA A 314 -17.69 3.40 5.09
N ALA A 315 -17.93 3.69 3.81
CA ALA A 315 -17.65 2.66 2.77
C ALA A 315 -16.15 2.36 2.70
N THR A 316 -15.29 3.42 2.66
CA THR A 316 -13.85 3.20 2.75
C THR A 316 -13.44 2.25 3.91
N MET A 317 -14.01 2.55 5.07
CA MET A 317 -13.68 1.77 6.22
C MET A 317 -14.17 0.32 6.11
N GLU A 318 -15.39 0.14 5.63
CA GLU A 318 -15.91 -1.25 5.52
C GLU A 318 -15.00 -2.06 4.55
N ASN A 319 -14.63 -1.45 3.42
CA ASN A 319 -13.74 -2.12 2.47
C ASN A 319 -12.32 -2.36 3.05
N ALA A 320 -11.82 -1.47 3.89
CA ALA A 320 -10.54 -1.59 4.51
C ALA A 320 -10.57 -2.72 5.51
N GLN A 321 -11.65 -2.81 6.30
CA GLN A 321 -11.75 -3.86 7.34
C GLN A 321 -11.73 -5.22 6.67
N LYS A 322 -12.29 -5.29 5.46
CA LYS A 322 -12.34 -6.55 4.74
C LYS A 322 -11.12 -6.85 3.82
N GLY A 323 -10.24 -5.87 3.65
CA GLY A 323 -9.15 -5.93 2.74
C GLY A 323 -7.87 -6.50 3.33
N GLU A 324 -6.88 -6.49 2.49
CA GLU A 324 -5.55 -7.08 2.79
C GLU A 324 -4.66 -5.89 3.10
N ILE A 325 -4.14 -5.78 4.31
CA ILE A 325 -3.24 -4.67 4.64
C ILE A 325 -2.06 -4.84 3.70
N MET A 326 -1.57 -3.75 3.10
CA MET A 326 -0.37 -3.89 2.23
C MET A 326 0.80 -4.34 3.06
N PRO A 327 1.46 -5.44 2.61
CA PRO A 327 2.55 -5.89 3.40
C PRO A 327 3.66 -4.88 3.49
N ASN A 328 4.25 -4.75 4.66
CA ASN A 328 5.30 -3.75 4.90
C ASN A 328 6.71 -4.30 4.69
N ILE A 329 6.89 -5.09 3.63
CA ILE A 329 8.20 -5.76 3.37
C ILE A 329 8.61 -5.40 1.96
N PRO A 330 9.94 -5.31 1.73
CA PRO A 330 10.39 -4.86 0.41
C PRO A 330 10.15 -5.91 -0.70
N GLN A 331 9.89 -7.15 -0.31
CA GLN A 331 9.56 -8.18 -1.30
C GLN A 331 8.29 -7.89 -2.11
N MET A 332 7.46 -6.91 -1.63
CA MET A 332 6.31 -6.53 -2.42
C MET A 332 6.65 -6.00 -3.84
N SER A 333 7.84 -5.43 -4.02
CA SER A 333 8.17 -4.93 -5.35
C SER A 333 8.12 -6.05 -6.34
N ALA A 334 8.57 -7.26 -5.96
CA ALA A 334 8.54 -8.40 -6.87
C ALA A 334 7.13 -8.86 -7.20
N PHE A 335 6.25 -8.76 -6.21
CA PHE A 335 4.82 -9.07 -6.40
C PHE A 335 4.19 -8.20 -7.45
N TRP A 336 4.36 -6.89 -7.39
CA TRP A 336 3.64 -6.01 -8.31
C TRP A 336 4.01 -6.23 -9.77
N TYR A 337 5.30 -6.27 -10.07
CA TYR A 337 5.77 -6.57 -11.47
C TYR A 337 5.19 -7.88 -11.98
N ALA A 338 5.23 -8.95 -11.18
CA ALA A 338 4.79 -10.25 -11.62
C ALA A 338 3.33 -10.31 -11.86
N VAL A 339 2.55 -9.75 -10.95
CA VAL A 339 1.10 -9.85 -11.11
C VAL A 339 0.60 -8.92 -12.22
N ARG A 340 1.20 -7.77 -12.35
CA ARG A 340 0.78 -6.89 -13.40
C ARG A 340 0.80 -7.64 -14.75
N THR A 341 1.88 -8.39 -14.99
CA THR A 341 2.02 -9.18 -16.25
C THR A 341 1.07 -10.28 -16.42
N ALA A 342 0.90 -11.01 -15.32
CA ALA A 342 -0.02 -12.07 -15.27
C ALA A 342 -1.40 -11.62 -15.66
N VAL A 343 -1.91 -10.55 -15.02
CA VAL A 343 -3.30 -10.18 -15.27
C VAL A 343 -3.58 -9.69 -16.72
N ILE A 344 -2.68 -8.85 -17.22
CA ILE A 344 -2.64 -8.46 -18.65
C ILE A 344 -2.61 -9.64 -19.63
N ASN A 345 -1.66 -10.53 -19.52
CA ASN A 345 -1.68 -11.73 -20.36
C ASN A 345 -2.90 -12.59 -20.29
N ALA A 346 -3.47 -12.72 -19.10
CA ALA A 346 -4.66 -13.53 -18.98
C ALA A 346 -5.86 -12.77 -19.56
N ALA A 347 -5.95 -11.46 -19.31
CA ALA A 347 -7.12 -10.70 -19.75
C ALA A 347 -7.13 -10.61 -21.30
N SER A 348 -5.93 -10.61 -21.89
CA SER A 348 -5.72 -10.69 -23.37
C SER A 348 -6.06 -12.03 -24.02
N GLY A 349 -6.04 -13.13 -23.31
CA GLY A 349 -6.19 -14.44 -23.95
C GLY A 349 -4.88 -15.11 -24.35
N ARG A 350 -3.74 -14.44 -24.18
CA ARG A 350 -2.46 -15.09 -24.54
C ARG A 350 -2.10 -16.27 -23.68
N GLN A 351 -2.48 -16.21 -22.40
CA GLN A 351 -2.17 -17.31 -21.52
C GLN A 351 -3.40 -17.82 -20.85
N THR A 352 -3.38 -19.08 -20.44
CA THR A 352 -4.46 -19.53 -19.60
C THR A 352 -4.30 -18.72 -18.26
N VAL A 353 -5.33 -18.76 -17.43
CA VAL A 353 -5.25 -18.19 -16.09
C VAL A 353 -4.24 -19.03 -15.31
N ASP A 354 -4.37 -20.35 -15.45
CA ASP A 354 -3.51 -21.30 -14.75
C ASP A 354 -2.04 -20.95 -15.00
N GLU A 355 -1.73 -20.59 -16.23
CA GLU A 355 -0.38 -20.38 -16.68
C GLU A 355 0.15 -19.00 -16.36
N ALA A 356 -0.70 -17.98 -16.49
CA ALA A 356 -0.27 -16.61 -16.15
C ALA A 356 0.14 -16.50 -14.67
N LEU A 357 -0.67 -17.08 -13.79
CA LEU A 357 -0.45 -17.05 -12.34
C LEU A 357 0.63 -17.99 -11.96
N LYS A 358 0.70 -19.18 -12.57
CA LYS A 358 2.00 -19.90 -12.53
C LYS A 358 3.27 -19.11 -12.86
N ASP A 359 3.37 -18.40 -14.01
CA ASP A 359 4.46 -17.48 -14.29
C ASP A 359 4.70 -16.46 -13.18
N ALA A 360 3.63 -15.80 -12.72
CA ALA A 360 3.79 -14.79 -11.74
C ALA A 360 4.43 -15.36 -10.47
N GLN A 361 3.94 -16.51 -10.00
CA GLN A 361 4.49 -17.11 -8.80
C GLN A 361 5.93 -17.45 -9.06
N THR A 362 6.24 -18.00 -10.24
CA THR A 362 7.69 -18.23 -10.54
C THR A 362 8.51 -17.01 -10.52
N ARG A 363 8.02 -15.97 -11.19
CA ARG A 363 8.72 -14.74 -11.21
C ARG A 363 9.05 -14.21 -9.81
N ILE A 364 8.11 -14.33 -8.90
CA ILE A 364 8.33 -13.81 -7.59
C ILE A 364 9.43 -14.61 -6.86
N LYS A 365 9.30 -15.92 -6.88
CA LYS A 365 10.31 -16.79 -6.32
C LYS A 365 11.71 -16.58 -6.88
N GLU A 366 11.82 -16.40 -8.21
CA GLU A 366 13.13 -16.21 -8.86
C GLU A 366 13.74 -14.88 -8.51
N ALA A 367 12.94 -13.79 -8.57
CA ALA A 367 13.43 -12.47 -8.22
C ALA A 367 13.96 -12.42 -6.80
N LEU A 368 13.28 -13.07 -5.86
CA LEU A 368 13.67 -13.03 -4.44
C LEU A 368 14.98 -13.86 -4.26
N ALA A 369 15.03 -15.03 -4.86
CA ALA A 369 16.23 -15.86 -4.83
C ALA A 369 17.44 -15.13 -5.40
N VAL A 370 17.27 -14.44 -6.54
CA VAL A 370 18.42 -13.81 -7.16
C VAL A 370 18.83 -12.60 -6.33
N GLN A 371 17.85 -11.90 -5.79
CA GLN A 371 18.21 -10.71 -4.98
C GLN A 371 19.11 -11.14 -3.79
N LYS A 372 18.73 -12.21 -3.12
CA LYS A 372 19.50 -12.81 -2.03
C LYS A 372 20.86 -13.29 -2.57
N PHE A 373 20.83 -14.20 -3.54
CA PHE A 373 22.05 -14.70 -4.17
C PHE A 373 23.01 -13.53 -4.44
N PHE A 374 22.51 -12.48 -5.10
CA PHE A 374 23.32 -11.35 -5.41
C PHE A 374 24.00 -10.69 -4.20
N LEU A 375 23.31 -10.57 -3.07
CA LEU A 375 23.90 -10.01 -1.84
C LEU A 375 24.90 -10.97 -1.24
N GLU A 376 24.47 -12.22 -1.11
CA GLU A 376 25.33 -13.24 -0.55
C GLU A 376 26.65 -13.35 -1.35
N GLU A 377 26.54 -13.55 -2.66
CA GLU A 377 27.72 -13.59 -3.50
C GLU A 377 28.58 -12.35 -3.34
N ILE A 378 27.97 -11.18 -3.15
CA ILE A 378 28.83 -10.02 -2.96
C ILE A 378 29.50 -10.07 -1.57
N GLN A 379 28.81 -10.56 -0.55
CA GLN A 379 29.46 -10.59 0.77
C GLN A 379 30.70 -11.49 0.78
N LEU A 380 30.62 -12.64 0.14
CA LEU A 380 31.80 -13.47 -0.04
C LEU A 380 32.85 -12.69 -0.80
N GLY A 381 32.39 -11.90 -1.77
CA GLY A 381 33.20 -10.92 -2.44
C GLY A 381 33.94 -10.02 -1.49
N GLU A 382 33.21 -9.25 -0.68
CA GLU A 382 33.85 -8.26 0.21
C GLU A 382 34.83 -8.90 1.25
N GLU A 383 34.67 -10.18 1.58
CA GLU A 383 35.76 -10.99 2.17
C GLU A 383 36.80 -11.36 1.09
N LEU A 384 37.46 -10.33 0.56
CA LEU A 384 38.74 -10.50 -0.12
C LEU A 384 39.72 -9.49 0.50
N LEU A 385 39.61 -9.33 1.82
CA LEU A 385 40.52 -8.51 2.62
C LEU A 385 41.07 -9.37 3.76
N TYR A 390 42.99 -12.20 1.60
CA TYR A 390 42.78 -11.67 0.26
C TYR A 390 42.31 -12.68 -0.84
N GLU A 391 41.55 -12.16 -1.80
CA GLU A 391 41.09 -12.84 -3.04
C GLU A 391 41.82 -14.12 -3.49
N LYS A 392 41.13 -15.12 -4.07
CA LYS A 392 39.71 -15.59 -3.82
C LYS A 392 38.42 -15.02 -4.53
N GLY A 393 37.83 -13.94 -4.01
CA GLY A 393 36.48 -13.52 -4.40
C GLY A 393 36.34 -12.50 -5.54
N VAL A 394 36.94 -12.80 -6.68
CA VAL A 394 36.50 -12.19 -7.95
C VAL A 394 35.52 -13.17 -8.59
N ASP A 395 35.76 -14.47 -8.44
CA ASP A 395 34.77 -15.42 -8.87
C ASP A 395 33.37 -15.10 -8.28
N HIS A 396 33.35 -14.58 -7.04
CA HIS A 396 32.08 -14.32 -6.32
C HIS A 396 31.41 -13.08 -6.85
N LEU A 397 32.17 -11.99 -6.90
CA LEU A 397 31.82 -10.81 -7.68
C LEU A 397 31.33 -11.04 -9.13
N THR A 398 31.95 -11.96 -9.84
CA THR A 398 31.54 -12.19 -11.20
C THR A 398 30.24 -12.94 -11.21
N ASN A 399 30.04 -13.78 -10.20
CA ASN A 399 28.75 -14.43 -10.02
C ASN A 399 27.65 -13.41 -9.77
N ALA A 400 27.96 -12.37 -9.00
CA ALA A 400 26.94 -11.36 -8.70
C ALA A 400 26.67 -10.55 -9.96
N ILE A 401 27.73 -10.24 -10.72
CA ILE A 401 27.55 -9.51 -11.96
C ILE A 401 26.76 -10.31 -12.98
N ALA A 402 26.97 -11.63 -13.04
CA ALA A 402 26.31 -12.51 -14.05
C ALA A 402 24.80 -12.48 -13.90
N VAL A 403 24.39 -12.19 -12.70
CA VAL A 403 23.02 -12.10 -12.38
C VAL A 403 22.35 -10.81 -12.80
N CYS A 404 23.06 -9.69 -12.97
CA CYS A 404 22.42 -8.39 -13.17
C CYS A 404 22.17 -8.29 -14.71
N GLY A 405 20.95 -7.97 -15.12
CA GLY A 405 20.67 -7.73 -16.53
C GLY A 405 21.48 -6.62 -17.11
N GLN A 406 21.70 -5.60 -16.27
CA GLN A 406 22.23 -4.29 -16.63
C GLN A 406 23.43 -3.91 -15.74
N PRO A 407 24.57 -4.56 -15.92
CA PRO A 407 25.70 -4.43 -15.00
C PRO A 407 26.64 -3.21 -15.15
N GLN A 408 26.36 -2.28 -16.06
CA GLN A 408 27.23 -1.14 -16.26
C GLN A 408 27.41 -0.38 -14.92
N GLN A 409 26.29 -0.11 -14.23
CA GLN A 409 26.35 0.71 -13.00
C GLN A 409 27.20 0.04 -11.97
N LEU A 410 26.99 -1.25 -11.84
CA LEU A 410 27.78 -2.01 -10.94
C LEU A 410 29.26 -2.10 -11.31
N LEU A 411 29.54 -2.31 -12.60
CA LEU A 411 30.96 -2.34 -13.10
C LEU A 411 31.74 -1.01 -12.78
N GLN A 412 31.04 0.10 -12.84
CA GLN A 412 31.64 1.39 -12.47
C GLN A 412 32.25 1.41 -11.08
N VAL A 413 31.45 1.03 -10.10
CA VAL A 413 31.82 1.28 -8.72
C VAL A 413 32.84 0.21 -8.33
N LEU A 414 32.80 -0.91 -9.03
CA LEU A 414 33.73 -1.99 -8.79
C LEU A 414 35.12 -1.59 -9.23
N GLN A 415 35.20 -0.69 -10.21
CA GLN A 415 36.51 -0.19 -10.67
C GLN A 415 37.14 0.72 -9.60
N GLN A 416 36.30 1.35 -8.76
CA GLN A 416 36.74 2.05 -7.53
C GLN A 416 37.36 1.05 -6.56
N THR A 417 36.52 0.36 -5.78
CA THR A 417 36.96 -0.67 -4.83
C THR A 417 37.33 -1.91 -5.66
N LEU A 418 38.61 -2.19 -5.91
CA LEU A 418 39.77 -1.56 -5.26
C LEU A 418 40.98 -1.55 -6.25
N PRO A 419 41.50 -2.75 -6.65
CA PRO A 419 42.78 -2.87 -7.32
C PRO A 419 42.61 -3.10 -8.81
N PRO A 420 43.19 -2.19 -9.63
CA PRO A 420 43.13 -2.37 -11.07
C PRO A 420 43.68 -3.71 -11.56
N PRO A 421 44.76 -4.22 -10.92
CA PRO A 421 45.27 -5.55 -11.35
C PRO A 421 44.23 -6.68 -11.25
N VAL A 422 43.30 -6.53 -10.31
CA VAL A 422 42.26 -7.53 -10.03
C VAL A 422 40.92 -7.15 -10.70
N PHE A 423 40.64 -5.85 -10.84
CA PHE A 423 39.63 -5.42 -11.82
C PHE A 423 39.94 -6.10 -13.18
N GLN A 424 41.22 -6.13 -13.53
CA GLN A 424 41.66 -6.80 -14.72
C GLN A 424 41.18 -8.25 -14.73
N MET A 425 41.49 -8.95 -13.64
CA MET A 425 41.10 -10.35 -13.47
C MET A 425 39.58 -10.47 -13.65
N LEU A 426 38.87 -9.68 -12.84
CA LEU A 426 37.42 -9.50 -12.96
C LEU A 426 36.96 -9.50 -14.43
N LEU A 427 37.56 -8.62 -15.21
CA LEU A 427 37.21 -8.48 -16.63
C LEU A 427 37.32 -9.82 -17.38
N THR A 428 38.40 -10.55 -17.12
CA THR A 428 38.62 -11.89 -17.69
C THR A 428 37.41 -12.84 -17.63
N LYS A 429 36.67 -12.77 -16.53
CA LYS A 429 35.68 -13.78 -16.20
C LYS A 429 34.34 -13.41 -16.77
N LEU A 430 34.25 -12.18 -17.25
CA LEU A 430 32.99 -11.67 -17.72
C LEU A 430 32.67 -12.24 -19.10
#